data_3WRV
#
_entry.id   3WRV
#
_cell.length_a   74.573
_cell.length_b   101.396
_cell.length_c   46.927
_cell.angle_alpha   90.00
_cell.angle_beta   90.00
_cell.angle_gamma   90.00
#
_symmetry.space_group_name_H-M   'P 21 21 21'
#
loop_
_entity.id
_entity.type
_entity.pdbx_description
1 polymer 'Tm-1 protein'
2 water water
#
_entity_poly.entity_id   1
_entity_poly.type   'polypeptide(L)'
_entity_poly.pdbx_seq_one_letter_code
;MATAQSNSPRVFCIGTADTKFDELRFLSEHVRSSLNSFSNKSSFKVGVTVVDVSTSWKETNSCADFDFVPSKDVLSCHTL
GEETMGTFADTRGLAIAIMSKALETFLSIANDEQNLAGVIGLGGSGGTSLLSSAFRSLPIGIPKVIISTVASGQTESYIG
TSDLVLFPSVVDICGINNVSKVVLSNAGAAFAGMVIGRLES
;
_entity_poly.pdbx_strand_id   A,B
#
# COMPACT_ATOMS: atom_id res chain seq x y z
N ASN A 7 -26.22 -2.66 7.91
CA ASN A 7 -25.26 -1.50 8.01
C ASN A 7 -24.60 -1.24 6.66
N SER A 8 -24.24 0.02 6.45
CA SER A 8 -23.46 0.44 5.26
C SER A 8 -22.08 -0.18 5.28
N PRO A 9 -21.35 -0.07 4.17
CA PRO A 9 -19.97 -0.52 4.18
C PRO A 9 -19.15 0.14 5.28
N ARG A 10 -18.16 -0.58 5.77
CA ARG A 10 -17.42 -0.14 6.93
C ARG A 10 -15.94 -0.54 6.82
N VAL A 11 -15.10 0.31 7.39
CA VAL A 11 -13.67 0.19 7.30
C VAL A 11 -13.04 0.32 8.69
N PHE A 12 -12.13 -0.60 9.02
CA PHE A 12 -11.49 -0.59 10.35
C PHE A 12 -10.04 -0.11 10.30
N CYS A 13 -9.71 0.88 11.11
CA CYS A 13 -8.33 1.33 11.29
C CYS A 13 -7.80 0.85 12.64
N ILE A 14 -6.85 -0.06 12.61
CA ILE A 14 -6.58 -0.87 13.78
C ILE A 14 -5.19 -0.70 14.34
N GLY A 15 -5.08 -0.54 15.66
CA GLY A 15 -3.77 -0.52 16.30
C GLY A 15 -3.78 -0.59 17.81
N THR A 16 -2.59 -0.66 18.40
CA THR A 16 -2.45 -0.61 19.85
C THR A 16 -2.41 0.85 20.25
N ALA A 17 -3.58 1.37 20.60
CA ALA A 17 -3.75 2.79 20.91
C ALA A 17 -3.06 3.23 22.18
N ASP A 18 -2.65 2.26 23.02
CA ASP A 18 -1.99 2.53 24.30
C ASP A 18 -0.68 3.24 24.08
N THR A 19 -0.12 3.08 22.87
CA THR A 19 1.11 3.77 22.49
C THR A 19 1.05 4.50 21.16
N LYS A 20 0.10 4.12 20.29
CA LYS A 20 -0.01 4.67 18.93
C LYS A 20 -1.28 5.53 18.69
N PHE A 21 -1.91 5.98 19.77
CA PHE A 21 -3.14 6.75 19.66
C PHE A 21 -3.10 7.88 18.62
N ASP A 22 -1.99 8.60 18.59
CA ASP A 22 -1.88 9.82 17.78
C ASP A 22 -1.74 9.48 16.33
N GLU A 23 -1.03 8.40 16.10
CA GLU A 23 -0.86 7.88 14.76
C GLU A 23 -2.16 7.28 14.21
N LEU A 24 -2.95 6.63 15.05
CA LEU A 24 -4.23 6.06 14.66
C LEU A 24 -5.25 7.13 14.32
N ARG A 25 -5.41 8.07 15.22
CA ARG A 25 -6.31 9.21 15.00
C ARG A 25 -5.96 9.92 13.70
N PHE A 26 -4.68 10.20 13.52
CA PHE A 26 -4.23 10.95 12.38
C PHE A 26 -4.54 10.26 11.06
N LEU A 27 -4.25 8.97 11.02
CA LEU A 27 -4.43 8.17 9.81
C LEU A 27 -5.93 8.00 9.48
N SER A 28 -6.73 7.82 10.53
CA SER A 28 -8.17 7.65 10.38
C SER A 28 -8.77 8.98 9.97
N GLU A 29 -8.16 10.06 10.44
CA GLU A 29 -8.63 11.37 10.05
C GLU A 29 -8.53 11.44 8.53
N HIS A 30 -7.39 10.91 8.05
CA HIS A 30 -7.06 10.91 6.64
C HIS A 30 -7.79 9.90 5.79
N VAL A 31 -7.98 8.69 6.31
CA VAL A 31 -8.76 7.68 5.60
C VAL A 31 -10.15 8.26 5.39
N ARG A 32 -10.73 8.78 6.48
CA ARG A 32 -12.09 9.31 6.45
C ARG A 32 -12.31 10.39 5.41
N SER A 33 -11.40 11.37 5.36
CA SER A 33 -11.60 12.52 4.48
C SER A 33 -11.35 12.14 3.03
N SER A 34 -10.39 11.25 2.83
CA SER A 34 -10.13 10.69 1.52
C SER A 34 -11.30 9.87 1.04
N LEU A 35 -11.83 9.00 1.89
CA LEU A 35 -13.03 8.23 1.50
C LEU A 35 -14.19 9.14 1.08
N ASN A 36 -14.33 10.23 1.79
CA ASN A 36 -15.34 11.21 1.48
C ASN A 36 -15.05 11.83 0.15
N SER A 37 -13.89 12.45 0.08
CA SER A 37 -13.39 13.16 -1.09
C SER A 37 -13.53 12.33 -2.35
N PHE A 38 -13.06 11.08 -2.32
CA PHE A 38 -12.99 10.23 -3.52
C PHE A 38 -14.30 9.56 -3.89
N SER A 39 -15.26 9.49 -2.96
CA SER A 39 -16.58 8.94 -3.25
C SER A 39 -17.35 9.80 -4.27
N ASN A 40 -18.29 9.16 -4.95
CA ASN A 40 -19.28 9.82 -5.80
C ASN A 40 -20.70 9.34 -5.40
N LYS A 41 -21.18 9.70 -4.21
CA LYS A 41 -22.48 9.19 -3.72
C LYS A 41 -22.98 9.97 -2.51
N LYS A 45 -22.09 5.54 1.08
CA LYS A 45 -21.40 6.23 2.17
C LYS A 45 -20.78 5.27 3.22
N VAL A 46 -19.45 5.21 3.22
CA VAL A 46 -18.66 4.25 4.01
C VAL A 46 -18.17 4.81 5.35
N GLY A 47 -18.42 4.09 6.42
CA GLY A 47 -17.98 4.53 7.73
C GLY A 47 -16.56 4.11 8.07
N VAL A 48 -15.89 4.90 8.92
CA VAL A 48 -14.58 4.55 9.45
C VAL A 48 -14.70 4.24 10.92
N THR A 49 -14.22 3.08 11.31
CA THR A 49 -14.28 2.62 12.69
C THR A 49 -12.86 2.39 13.10
N VAL A 50 -12.48 3.04 14.17
CA VAL A 50 -11.20 2.88 14.77
C VAL A 50 -11.37 1.75 15.76
N VAL A 51 -10.41 0.81 15.79
CA VAL A 51 -10.47 -0.29 16.77
C VAL A 51 -9.14 -0.50 17.49
N ASP A 52 -9.21 -0.61 18.80
CA ASP A 52 -8.03 -0.78 19.66
C ASP A 52 -7.72 -2.26 19.98
N VAL A 53 -6.47 -2.67 19.80
CA VAL A 53 -6.05 -4.01 20.10
C VAL A 53 -4.91 -4.04 21.14
N SER A 54 -4.82 -3.03 21.99
CA SER A 54 -3.74 -2.99 22.97
C SER A 54 -4.06 -3.91 24.14
N THR A 55 -3.02 -4.42 24.79
CA THR A 55 -3.21 -5.41 25.86
C THR A 55 -2.65 -4.91 27.21
N SER A 56 -2.21 -3.65 27.19
CA SER A 56 -1.64 -2.99 28.35
C SER A 56 -2.71 -2.41 29.25
N TRP A 57 -2.25 -2.00 30.42
CA TRP A 57 -3.05 -1.42 31.48
C TRP A 57 -3.64 -0.13 30.97
N LYS A 58 -2.87 0.54 30.11
CA LYS A 58 -3.24 1.82 29.55
C LYS A 58 -4.49 1.60 28.73
N GLU A 59 -5.63 1.87 29.37
CA GLU A 59 -6.93 1.62 28.77
C GLU A 59 -7.36 2.86 28.02
N THR A 60 -8.02 2.68 26.87
CA THR A 60 -8.48 3.81 26.04
C THR A 60 -9.95 3.58 25.58
N ASN A 61 -10.79 4.60 25.76
CA ASN A 61 -12.27 4.49 25.66
C ASN A 61 -12.87 5.11 24.40
N SER A 62 -12.16 6.07 23.80
CA SER A 62 -12.64 6.67 22.58
C SER A 62 -11.49 7.24 21.80
N CYS A 63 -11.75 7.51 20.52
CA CYS A 63 -10.82 8.21 19.64
C CYS A 63 -11.53 9.33 18.88
N ALA A 64 -11.47 10.54 19.48
CA ALA A 64 -12.01 11.75 18.89
C ALA A 64 -13.49 11.54 18.61
N ASP A 65 -13.93 11.72 17.36
CA ASP A 65 -15.34 11.49 16.99
C ASP A 65 -15.47 10.36 15.97
N PHE A 66 -14.67 9.31 16.15
CA PHE A 66 -14.72 8.15 15.28
C PHE A 66 -15.52 7.11 15.97
N ASP A 67 -16.40 6.43 15.25
CA ASP A 67 -16.83 5.11 15.70
C ASP A 67 -15.60 4.39 16.30
N PHE A 68 -15.79 3.78 17.47
CA PHE A 68 -14.68 3.21 18.22
C PHE A 68 -15.09 1.89 18.81
N VAL A 69 -14.18 0.92 18.73
CA VAL A 69 -14.43 -0.29 19.43
C VAL A 69 -13.21 -0.57 20.30
N PRO A 70 -13.40 -0.58 21.61
CA PRO A 70 -12.35 -0.87 22.58
C PRO A 70 -11.86 -2.32 22.55
N SER A 71 -10.63 -2.53 22.99
CA SER A 71 -10.05 -3.87 22.91
C SER A 71 -10.86 -4.93 23.63
N LYS A 72 -11.69 -4.51 24.56
CA LYS A 72 -12.48 -5.47 25.31
C LYS A 72 -13.66 -5.95 24.49
N ASP A 73 -14.11 -5.13 23.53
CA ASP A 73 -15.18 -5.48 22.58
C ASP A 73 -14.63 -6.50 21.60
N VAL A 74 -13.42 -6.27 21.13
CA VAL A 74 -12.79 -7.23 20.27
C VAL A 74 -12.79 -8.56 21.05
N LEU A 75 -12.14 -8.56 22.19
CA LEU A 75 -12.08 -9.71 23.06
C LEU A 75 -13.39 -10.45 23.25
N SER A 76 -14.46 -9.73 23.53
CA SER A 76 -15.72 -10.35 23.94
C SER A 76 -16.43 -11.18 22.88
N CYS A 77 -16.16 -10.91 21.62
CA CYS A 77 -16.74 -11.72 20.56
C CYS A 77 -15.94 -12.98 20.28
N HIS A 78 -14.89 -13.28 21.04
CA HIS A 78 -14.02 -14.41 20.71
C HIS A 78 -14.05 -15.45 21.78
N THR A 79 -14.14 -16.72 21.41
CA THR A 79 -14.06 -17.77 22.42
C THR A 79 -12.65 -18.33 22.39
N LEU A 80 -12.04 -18.48 23.57
CA LEU A 80 -10.64 -18.94 23.62
C LEU A 80 -10.45 -20.28 22.92
N GLY A 81 -9.25 -20.54 22.40
CA GLY A 81 -8.95 -21.78 21.71
C GLY A 81 -7.51 -22.20 21.94
N GLU A 82 -6.91 -22.74 20.89
CA GLU A 82 -5.58 -23.33 20.96
C GLU A 82 -4.49 -22.32 21.35
N GLU A 83 -4.77 -21.03 21.13
CA GLU A 83 -3.83 -19.93 21.32
C GLU A 83 -3.32 -19.92 22.76
N THR A 84 -4.21 -20.26 23.66
CA THR A 84 -3.93 -20.25 25.09
C THR A 84 -2.71 -21.13 25.48
N MET A 85 -2.48 -22.18 24.72
CA MET A 85 -1.50 -23.19 25.10
C MET A 85 -0.23 -23.04 24.29
N GLY A 86 -0.13 -21.95 23.54
CA GLY A 86 1.09 -21.63 22.81
C GLY A 86 2.30 -21.45 23.74
N THR A 87 3.44 -21.18 23.13
CA THR A 87 4.71 -21.08 23.84
C THR A 87 4.80 -19.89 24.80
N PHE A 88 5.28 -18.75 24.31
CA PHE A 88 5.24 -17.46 25.06
C PHE A 88 6.34 -17.21 26.08
N ALA A 89 7.24 -16.30 25.72
CA ALA A 89 8.29 -15.82 26.62
C ALA A 89 7.72 -15.16 27.89
N ASP A 90 6.53 -14.57 27.78
CA ASP A 90 5.84 -13.98 28.92
C ASP A 90 4.33 -13.89 28.68
N THR A 91 3.63 -13.19 29.57
CA THR A 91 2.17 -13.07 29.52
C THR A 91 1.70 -11.93 28.62
N ARG A 92 2.56 -10.94 28.36
CA ARG A 92 2.30 -9.93 27.32
C ARG A 92 2.10 -10.65 25.97
N GLY A 93 3.00 -11.59 25.65
CA GLY A 93 2.95 -12.28 24.37
C GLY A 93 1.75 -13.22 24.28
N LEU A 94 1.28 -13.68 25.43
CA LEU A 94 0.07 -14.50 25.47
C LEU A 94 -1.15 -13.61 25.24
N ALA A 95 -1.12 -12.39 25.74
CA ALA A 95 -2.20 -11.44 25.51
C ALA A 95 -2.31 -11.08 24.01
N ILE A 96 -1.14 -10.84 23.41
CA ILE A 96 -0.99 -10.48 22.00
C ILE A 96 -1.54 -11.60 21.09
N ALA A 97 -1.32 -12.85 21.49
CA ALA A 97 -1.75 -14.00 20.70
C ALA A 97 -3.24 -14.19 20.77
N ILE A 98 -3.77 -13.98 21.96
CA ILE A 98 -5.22 -14.14 22.16
C ILE A 98 -5.95 -13.03 21.42
N MET A 99 -5.41 -11.82 21.50
CA MET A 99 -5.95 -10.65 20.83
C MET A 99 -5.92 -10.83 19.32
N SER A 100 -4.83 -11.40 18.82
CA SER A 100 -4.66 -11.56 17.40
C SER A 100 -5.74 -12.46 16.85
N LYS A 101 -6.00 -13.54 17.58
CA LYS A 101 -7.05 -14.48 17.24
C LYS A 101 -8.42 -13.85 17.43
N ALA A 102 -8.56 -13.01 18.44
CA ALA A 102 -9.85 -12.37 18.64
C ALA A 102 -10.11 -11.35 17.55
N LEU A 103 -9.06 -10.73 17.01
CA LEU A 103 -9.19 -9.84 15.86
C LEU A 103 -9.70 -10.63 14.66
N GLU A 104 -9.02 -11.74 14.35
CA GLU A 104 -9.42 -12.68 13.30
C GLU A 104 -10.92 -12.97 13.32
N THR A 105 -11.44 -13.37 14.48
CA THR A 105 -12.88 -13.57 14.64
C THR A 105 -13.69 -12.28 14.32
N PHE A 106 -13.40 -11.18 15.00
CA PHE A 106 -14.08 -9.88 14.79
C PHE A 106 -14.16 -9.46 13.32
N LEU A 107 -13.01 -9.48 12.66
CA LEU A 107 -12.95 -9.16 11.26
C LEU A 107 -13.82 -10.13 10.50
N SER A 108 -13.61 -11.40 10.80
CA SER A 108 -14.32 -12.46 10.14
C SER A 108 -15.82 -12.29 10.33
N ILE A 109 -16.24 -11.86 11.51
CA ILE A 109 -17.64 -11.60 11.69
C ILE A 109 -18.10 -10.42 10.85
N ALA A 110 -17.32 -9.34 10.87
CA ALA A 110 -17.69 -8.17 10.09
C ALA A 110 -17.84 -8.59 8.61
N ASN A 111 -16.91 -9.40 8.11
CA ASN A 111 -16.98 -9.82 6.71
C ASN A 111 -18.10 -10.84 6.39
N ASP A 112 -18.53 -11.60 7.39
CA ASP A 112 -19.68 -12.48 7.22
C ASP A 112 -20.94 -11.63 7.17
N GLU A 113 -21.00 -10.59 7.99
CA GLU A 113 -22.09 -9.61 7.90
C GLU A 113 -21.84 -8.56 6.78
N GLN A 114 -20.90 -8.88 5.87
CA GLN A 114 -20.54 -8.01 4.74
C GLN A 114 -20.73 -6.51 5.03
N ASN A 115 -20.23 -6.12 6.19
CA ASN A 115 -20.02 -4.74 6.54
C ASN A 115 -18.66 -4.31 5.97
N LEU A 116 -17.81 -5.29 5.70
CA LEU A 116 -16.38 -5.05 5.64
C LEU A 116 -15.94 -4.64 4.26
N ALA A 117 -15.58 -3.37 4.15
CA ALA A 117 -15.10 -2.78 2.90
C ALA A 117 -13.59 -2.62 2.84
N GLY A 118 -12.92 -2.78 3.99
CA GLY A 118 -11.46 -2.81 4.04
C GLY A 118 -10.86 -2.79 5.45
N VAL A 119 -9.56 -3.08 5.56
CA VAL A 119 -8.85 -2.95 6.83
C VAL A 119 -7.49 -2.36 6.59
N ILE A 120 -7.06 -1.54 7.52
CA ILE A 120 -5.74 -0.96 7.53
C ILE A 120 -5.27 -1.06 8.96
N GLY A 121 -3.98 -1.07 9.19
CA GLY A 121 -3.42 -1.05 10.55
C GLY A 121 -2.00 -0.48 10.65
N LEU A 122 -1.62 -0.14 11.89
CA LEU A 122 -0.27 0.32 12.23
C LEU A 122 0.41 -0.70 13.12
N GLY A 123 1.73 -0.68 13.14
CA GLY A 123 2.40 -1.49 14.12
C GLY A 123 3.87 -1.55 13.92
N GLY A 124 4.59 -1.88 14.99
CA GLY A 124 5.99 -2.22 14.89
C GLY A 124 6.09 -3.71 14.62
N SER A 125 7.11 -4.32 15.21
CA SER A 125 7.30 -5.75 15.13
C SER A 125 6.10 -6.51 15.72
N GLY A 126 5.62 -6.06 16.87
CA GLY A 126 4.57 -6.77 17.63
C GLY A 126 3.17 -6.63 17.06
N GLY A 127 2.78 -5.37 16.81
CA GLY A 127 1.56 -5.07 16.11
C GLY A 127 1.50 -5.79 14.78
N THR A 128 2.58 -5.70 13.98
CA THR A 128 2.56 -6.27 12.64
C THR A 128 2.30 -7.78 12.64
N SER A 129 2.77 -8.50 13.66
CA SER A 129 2.49 -9.95 13.75
C SER A 129 1.02 -10.21 14.10
N LEU A 130 0.50 -9.35 14.98
CA LEU A 130 -0.88 -9.42 15.45
C LEU A 130 -1.83 -9.15 14.29
N LEU A 131 -1.64 -8.03 13.60
CA LEU A 131 -2.50 -7.66 12.48
C LEU A 131 -2.35 -8.59 11.28
N SER A 132 -1.12 -9.02 11.02
CA SER A 132 -0.82 -9.89 9.89
C SER A 132 -1.72 -11.08 9.93
N SER A 133 -1.54 -11.88 10.97
CA SER A 133 -2.20 -13.18 11.15
C SER A 133 -3.69 -13.10 10.88
N ALA A 134 -4.32 -12.01 11.38
CA ALA A 134 -5.75 -11.82 11.23
C ALA A 134 -6.13 -11.22 9.87
N PHE A 135 -5.31 -10.30 9.36
CA PHE A 135 -5.60 -9.65 8.10
C PHE A 135 -5.57 -10.66 6.98
N ARG A 136 -4.66 -11.63 7.07
CA ARG A 136 -4.58 -12.63 5.99
C ARG A 136 -5.64 -13.73 6.06
N SER A 137 -6.35 -13.87 7.17
CA SER A 137 -7.48 -14.80 7.16
C SER A 137 -8.60 -14.26 6.28
N LEU A 138 -8.47 -13.03 5.81
CA LEU A 138 -9.50 -12.45 4.99
C LEU A 138 -9.27 -12.84 3.54
N PRO A 139 -10.36 -12.93 2.77
CA PRO A 139 -10.23 -13.31 1.37
C PRO A 139 -9.41 -12.28 0.59
N ILE A 140 -8.81 -12.74 -0.50
CA ILE A 140 -8.02 -11.89 -1.37
C ILE A 140 -8.97 -10.93 -2.08
N GLY A 141 -8.64 -9.65 -2.04
CA GLY A 141 -9.46 -8.70 -2.76
C GLY A 141 -9.94 -7.62 -1.86
N ILE A 142 -10.45 -8.00 -0.69
CA ILE A 142 -10.66 -7.05 0.38
C ILE A 142 -9.32 -6.31 0.60
N PRO A 143 -9.35 -4.98 0.56
CA PRO A 143 -8.18 -4.18 0.83
C PRO A 143 -7.68 -4.37 2.24
N LYS A 144 -6.42 -4.82 2.37
CA LYS A 144 -5.77 -4.99 3.65
C LYS A 144 -4.36 -4.45 3.61
N VAL A 145 -4.09 -3.40 4.39
CA VAL A 145 -2.79 -2.73 4.41
C VAL A 145 -2.25 -2.66 5.80
N ILE A 146 -0.92 -2.68 5.94
CA ILE A 146 -0.32 -2.50 7.26
C ILE A 146 0.86 -1.55 7.21
N ILE A 147 0.77 -0.44 7.93
CA ILE A 147 1.87 0.50 7.98
C ILE A 147 2.80 -0.07 9.05
N SER A 148 3.96 -0.55 8.60
CA SER A 148 4.88 -1.32 9.42
C SER A 148 6.32 -0.91 9.23
N THR A 149 7.02 -0.82 10.34
CA THR A 149 8.47 -0.59 10.38
C THR A 149 9.27 -1.81 9.98
N VAL A 150 8.58 -2.81 9.45
CA VAL A 150 9.14 -4.11 9.13
C VAL A 150 8.99 -4.51 7.65
N ALA A 151 8.21 -3.73 6.90
CA ALA A 151 7.99 -3.91 5.46
C ALA A 151 9.31 -4.02 4.70
N SER A 152 10.30 -3.28 5.17
CA SER A 152 11.70 -3.35 4.71
C SER A 152 12.47 -4.39 5.52
N GLY A 153 12.48 -5.63 5.02
CA GLY A 153 13.13 -6.72 5.69
C GLY A 153 12.58 -8.02 5.17
N GLN A 154 12.37 -8.98 6.07
CA GLN A 154 11.87 -10.32 5.71
C GLN A 154 10.36 -10.37 5.96
N THR A 155 9.61 -10.35 4.87
CA THR A 155 8.18 -10.22 4.94
C THR A 155 7.44 -11.54 4.71
N GLU A 156 8.13 -12.57 4.25
CA GLU A 156 7.50 -13.89 3.99
C GLU A 156 6.57 -14.30 5.12
N SER A 157 7.04 -14.08 6.33
CA SER A 157 6.32 -14.35 7.55
C SER A 157 4.93 -13.68 7.59
N TYR A 158 4.88 -12.39 7.25
CA TYR A 158 3.67 -11.58 7.45
C TYR A 158 2.66 -11.69 6.33
N ILE A 159 3.15 -11.70 5.09
CA ILE A 159 2.29 -11.65 3.89
C ILE A 159 1.90 -13.08 3.42
N GLY A 160 2.70 -14.06 3.84
CA GLY A 160 2.59 -15.42 3.36
C GLY A 160 2.25 -15.44 1.89
N THR A 161 1.03 -15.84 1.62
CA THR A 161 0.59 -16.08 0.28
C THR A 161 -0.56 -15.13 -0.07
N SER A 162 -0.88 -14.19 0.84
CA SER A 162 -2.00 -13.24 0.66
C SER A 162 -1.67 -12.02 -0.22
N ASP A 163 -2.66 -11.12 -0.32
CA ASP A 163 -2.53 -9.85 -1.00
C ASP A 163 -2.27 -8.70 -0.02
N LEU A 164 -2.16 -9.00 1.26
CA LEU A 164 -1.77 -8.00 2.25
C LEU A 164 -0.57 -7.21 1.76
N VAL A 165 -0.63 -5.88 1.93
CA VAL A 165 0.40 -4.92 1.53
C VAL A 165 1.01 -4.29 2.75
N LEU A 166 2.33 -4.19 2.80
CA LEU A 166 3.02 -3.53 3.89
C LEU A 166 3.54 -2.19 3.43
N PHE A 167 3.18 -1.12 4.15
CA PHE A 167 3.74 0.22 3.85
C PHE A 167 4.90 0.46 4.79
N PRO A 168 6.06 0.77 4.25
CA PRO A 168 7.20 1.00 5.14
C PRO A 168 6.98 2.22 6.00
N SER A 169 7.41 2.19 7.25
CA SER A 169 7.17 3.34 8.13
C SER A 169 8.17 4.50 7.98
N VAL A 170 9.12 4.39 7.05
CA VAL A 170 10.21 5.38 6.92
C VAL A 170 10.75 5.90 8.26
N VAL A 171 9.97 6.74 8.94
CA VAL A 171 10.27 7.12 10.33
C VAL A 171 11.20 8.37 10.40
N ASP A 172 10.56 9.53 10.58
CA ASP A 172 11.15 10.71 11.25
C ASP A 172 10.99 10.50 12.76
N ILE A 173 10.21 9.46 13.11
CA ILE A 173 10.17 8.73 14.41
C ILE A 173 8.75 8.18 14.66
N CYS A 174 8.56 7.49 15.79
CA CYS A 174 7.23 7.23 16.34
C CYS A 174 6.41 8.51 16.37
N GLY A 175 5.16 8.40 16.78
CA GLY A 175 4.29 9.56 16.78
C GLY A 175 4.20 10.17 15.38
N ILE A 176 3.93 11.46 15.35
CA ILE A 176 3.61 12.13 14.12
C ILE A 176 4.56 13.31 13.95
N ASN A 177 5.27 13.31 12.83
CA ASN A 177 6.10 14.45 12.43
C ASN A 177 6.42 14.38 10.94
N ASN A 178 7.06 15.42 10.43
CA ASN A 178 7.37 15.57 8.98
C ASN A 178 7.21 14.35 8.07
N VAL A 179 8.15 13.39 8.09
CA VAL A 179 8.13 12.31 7.08
C VAL A 179 7.27 11.08 7.45
N SER A 180 7.02 10.81 8.73
CA SER A 180 6.07 9.76 9.06
C SER A 180 4.64 10.22 8.66
N LYS A 181 4.41 11.53 8.70
CA LYS A 181 3.14 12.12 8.22
C LYS A 181 2.87 11.82 6.74
N VAL A 182 3.87 12.03 5.90
CA VAL A 182 3.65 11.88 4.46
C VAL A 182 3.38 10.43 4.09
N VAL A 183 3.90 9.47 4.87
CA VAL A 183 3.63 8.05 4.59
C VAL A 183 2.29 7.68 5.16
N LEU A 184 1.95 8.26 6.29
CA LEU A 184 0.62 8.06 6.85
C LEU A 184 -0.47 8.58 5.92
N SER A 185 -0.34 9.82 5.46
CA SER A 185 -1.29 10.37 4.47
C SER A 185 -1.38 9.42 3.27
N ASN A 186 -0.22 9.08 2.74
CA ASN A 186 -0.22 8.31 1.51
C ASN A 186 -0.93 6.98 1.75
N ALA A 187 -0.51 6.31 2.81
CA ALA A 187 -1.10 5.04 3.22
C ALA A 187 -2.60 5.18 3.30
N GLY A 188 -3.04 6.25 3.98
CA GLY A 188 -4.45 6.57 4.14
C GLY A 188 -5.17 6.67 2.83
N ALA A 189 -4.61 7.47 1.92
CA ALA A 189 -5.27 7.79 0.68
C ALA A 189 -5.23 6.59 -0.23
N ALA A 190 -4.12 5.86 -0.16
CA ALA A 190 -3.95 4.58 -0.86
C ALA A 190 -5.06 3.63 -0.45
N PHE A 191 -5.25 3.47 0.84
CA PHE A 191 -6.34 2.66 1.34
C PHE A 191 -7.72 3.17 0.93
N ALA A 192 -7.94 4.47 1.05
CA ALA A 192 -9.23 5.03 0.62
C ALA A 192 -9.51 4.69 -0.83
N GLY A 193 -8.57 4.95 -1.72
CA GLY A 193 -8.76 4.66 -3.14
C GLY A 193 -9.07 3.20 -3.41
N MET A 194 -8.49 2.32 -2.61
CA MET A 194 -8.70 0.90 -2.83
C MET A 194 -10.14 0.57 -2.45
N VAL A 195 -10.59 1.12 -1.33
CA VAL A 195 -11.94 0.85 -0.82
C VAL A 195 -13.04 1.42 -1.76
N ILE A 196 -12.93 2.68 -2.14
CA ILE A 196 -13.93 3.30 -3.01
C ILE A 196 -13.95 2.60 -4.38
N GLY A 197 -12.76 2.44 -4.95
CA GLY A 197 -12.57 1.79 -6.23
C GLY A 197 -13.24 0.45 -6.29
N ARG A 198 -12.96 -0.41 -5.34
CA ARG A 198 -13.67 -1.67 -5.23
C ARG A 198 -15.21 -1.55 -5.07
N LEU A 199 -15.69 -0.53 -4.38
CA LEU A 199 -17.13 -0.42 -4.14
C LEU A 199 -17.86 0.20 -5.31
N GLU A 200 -17.17 1.10 -6.01
CA GLU A 200 -17.72 1.80 -7.16
C GLU A 200 -17.11 1.22 -8.44
N SER A 201 -16.89 -0.09 -8.45
CA SER A 201 -16.37 -0.81 -9.64
C SER A 201 -17.28 -1.97 -9.97
N ASN B 7 -0.23 18.02 -22.14
CA ASN B 7 0.59 17.74 -20.92
C ASN B 7 0.13 18.50 -19.64
N SER B 8 0.62 18.01 -18.49
CA SER B 8 0.16 18.45 -17.15
C SER B 8 1.02 17.64 -16.15
N PRO B 9 0.70 17.66 -14.85
CA PRO B 9 1.52 16.75 -14.02
C PRO B 9 1.32 15.29 -14.44
N ARG B 10 2.40 14.53 -14.41
CA ARG B 10 2.42 13.21 -15.00
C ARG B 10 2.47 12.11 -13.97
N VAL B 11 1.95 10.99 -14.38
CA VAL B 11 2.09 9.78 -13.61
C VAL B 11 2.71 8.75 -14.56
N PHE B 12 3.55 7.83 -14.07
CA PHE B 12 4.11 6.84 -14.96
C PHE B 12 3.70 5.40 -14.62
N CYS B 13 3.11 4.70 -15.59
CA CYS B 13 2.90 3.26 -15.51
C CYS B 13 4.00 2.64 -16.29
N ILE B 14 4.77 1.77 -15.65
CA ILE B 14 6.02 1.29 -16.22
C ILE B 14 6.08 -0.23 -16.28
N GLY B 15 6.57 -0.70 -17.40
CA GLY B 15 6.71 -2.10 -17.62
C GLY B 15 8.16 -2.46 -17.88
N THR B 16 8.51 -3.64 -17.40
CA THR B 16 9.83 -4.21 -17.59
C THR B 16 9.65 -5.42 -18.42
N ALA B 17 10.77 -6.05 -18.77
CA ALA B 17 10.73 -7.40 -19.36
C ALA B 17 10.24 -8.23 -18.20
N ASP B 18 9.26 -9.09 -18.46
CA ASP B 18 8.42 -9.73 -17.40
C ASP B 18 6.97 -9.41 -17.82
N THR B 19 6.68 -8.10 -17.84
CA THR B 19 5.32 -7.66 -17.95
C THR B 19 4.79 -7.86 -19.35
N LYS B 20 3.59 -8.37 -19.48
CA LYS B 20 3.04 -8.68 -20.76
C LYS B 20 2.26 -7.45 -21.12
N PHE B 21 2.07 -7.21 -22.41
CA PHE B 21 1.33 -6.04 -22.90
C PHE B 21 0.03 -5.84 -22.15
N ASP B 22 -0.85 -6.84 -22.20
CA ASP B 22 -2.21 -6.71 -21.64
C ASP B 22 -2.18 -6.39 -20.14
N GLU B 23 -1.24 -6.95 -19.39
CA GLU B 23 -1.03 -6.52 -18.00
C GLU B 23 -0.86 -5.01 -17.85
N LEU B 24 0.04 -4.45 -18.65
CA LEU B 24 0.37 -3.04 -18.53
C LEU B 24 -0.82 -2.16 -18.96
N ARG B 25 -1.55 -2.65 -19.97
CA ARG B 25 -2.67 -1.89 -20.55
C ARG B 25 -3.75 -1.76 -19.50
N PHE B 26 -4.16 -2.91 -18.94
CA PHE B 26 -5.16 -2.94 -17.86
C PHE B 26 -4.81 -1.98 -16.73
N LEU B 27 -3.56 -1.99 -16.31
CA LEU B 27 -3.11 -1.22 -15.16
C LEU B 27 -3.23 0.24 -15.51
N SER B 28 -2.57 0.65 -16.59
CA SER B 28 -2.62 2.06 -17.05
C SER B 28 -4.06 2.57 -17.20
N GLU B 29 -4.89 1.74 -17.82
CA GLU B 29 -6.32 2.01 -18.01
C GLU B 29 -7.08 2.18 -16.69
N HIS B 30 -6.75 1.33 -15.74
CA HIS B 30 -7.38 1.39 -14.44
C HIS B 30 -6.87 2.57 -13.63
N VAL B 31 -5.58 2.89 -13.77
CA VAL B 31 -5.01 4.05 -13.07
C VAL B 31 -5.74 5.28 -13.58
N ARG B 32 -5.67 5.50 -14.88
CA ARG B 32 -6.27 6.69 -15.47
C ARG B 32 -7.76 6.84 -15.04
N SER B 33 -8.55 5.84 -15.37
CA SER B 33 -9.94 5.82 -14.95
C SER B 33 -10.10 6.26 -13.47
N SER B 34 -9.30 5.66 -12.61
CA SER B 34 -9.46 5.85 -11.20
C SER B 34 -9.05 7.25 -10.81
N LEU B 35 -7.95 7.72 -11.38
CA LEU B 35 -7.57 9.13 -11.25
C LEU B 35 -8.75 10.05 -11.60
N ASN B 36 -9.45 9.74 -12.66
CA ASN B 36 -10.51 10.59 -13.10
C ASN B 36 -11.68 10.45 -12.14
N SER B 37 -11.98 9.20 -11.78
CA SER B 37 -13.07 8.91 -10.88
C SER B 37 -12.92 9.42 -9.46
N PHE B 38 -11.69 9.41 -8.92
CA PHE B 38 -11.44 9.81 -7.52
C PHE B 38 -11.40 11.31 -7.47
N SER B 39 -10.63 11.88 -8.36
CA SER B 39 -10.53 13.33 -8.46
C SER B 39 -11.88 14.03 -8.48
N ASN B 40 -11.87 15.31 -8.12
CA ASN B 40 -13.05 16.17 -8.17
C ASN B 40 -12.96 17.24 -9.30
N LYS B 41 -12.28 16.88 -10.40
CA LYS B 41 -11.97 17.78 -11.53
C LYS B 41 -11.38 19.13 -11.10
N LYS B 45 -6.21 18.05 -14.10
CA LYS B 45 -6.26 16.68 -14.61
C LYS B 45 -4.87 16.00 -14.76
N VAL B 46 -4.77 14.72 -14.39
CA VAL B 46 -3.47 14.03 -14.33
C VAL B 46 -3.26 13.09 -15.51
N GLY B 47 -2.14 13.27 -16.20
CA GLY B 47 -1.84 12.46 -17.37
C GLY B 47 -1.24 11.13 -16.97
N VAL B 48 -1.38 10.14 -17.86
CA VAL B 48 -0.76 8.83 -17.68
C VAL B 48 0.23 8.53 -18.81
N THR B 49 1.51 8.72 -18.53
CA THR B 49 2.55 8.33 -19.47
C THR B 49 2.90 6.87 -19.17
N VAL B 50 2.88 6.03 -20.18
CA VAL B 50 3.20 4.61 -20.04
C VAL B 50 4.59 4.44 -20.61
N VAL B 51 5.47 3.85 -19.81
CA VAL B 51 6.84 3.74 -20.23
C VAL B 51 7.27 2.29 -20.20
N ASP B 52 7.99 1.88 -21.26
CA ASP B 52 8.57 0.56 -21.31
C ASP B 52 10.09 0.64 -21.00
N VAL B 53 10.54 -0.10 -19.98
CA VAL B 53 11.97 -0.24 -19.68
C VAL B 53 12.45 -1.70 -19.81
N SER B 54 11.83 -2.47 -20.68
CA SER B 54 12.31 -3.81 -20.93
C SER B 54 13.75 -3.79 -21.50
N THR B 55 14.62 -4.65 -20.95
CA THR B 55 16.01 -4.74 -21.42
C THR B 55 16.13 -5.49 -22.72
N SER B 56 15.16 -6.34 -23.01
CA SER B 56 15.05 -7.04 -24.30
C SER B 56 13.97 -6.45 -25.22
N TRP B 57 14.20 -6.56 -26.52
CA TRP B 57 13.32 -6.00 -27.54
C TRP B 57 11.87 -6.50 -27.40
N LYS B 58 10.92 -5.65 -27.70
CA LYS B 58 9.53 -6.09 -27.72
C LYS B 58 8.77 -5.48 -28.87
N GLU B 59 8.03 -6.33 -29.57
CA GLU B 59 7.29 -5.97 -30.77
C GLU B 59 6.18 -4.93 -30.58
N THR B 60 6.44 -3.90 -29.77
CA THR B 60 5.41 -2.93 -29.46
C THR B 60 6.00 -1.66 -28.83
N ASN B 61 5.97 -0.57 -29.58
CA ASN B 61 6.37 0.76 -29.08
C ASN B 61 5.18 1.72 -28.89
N SER B 62 4.16 1.25 -28.19
CA SER B 62 2.96 2.04 -27.91
C SER B 62 2.02 1.26 -26.99
N CYS B 63 1.10 1.97 -26.34
CA CYS B 63 0.14 1.38 -25.39
C CYS B 63 -1.24 2.07 -25.52
N ALA B 64 -2.14 1.43 -26.28
CA ALA B 64 -3.48 1.96 -26.59
C ALA B 64 -3.42 3.44 -26.97
N ASP B 65 -4.07 4.31 -26.19
CA ASP B 65 -4.17 5.74 -26.50
C ASP B 65 -3.33 6.61 -25.57
N PHE B 66 -2.48 5.96 -24.79
CA PHE B 66 -1.64 6.65 -23.82
C PHE B 66 -0.41 7.29 -24.45
N ASP B 67 -0.02 8.43 -23.90
CA ASP B 67 1.31 8.93 -24.11
C ASP B 67 2.31 7.85 -23.64
N PHE B 68 3.19 7.43 -24.55
CA PHE B 68 4.15 6.34 -24.40
C PHE B 68 5.59 6.88 -24.47
N VAL B 69 6.55 6.08 -24.04
CA VAL B 69 7.97 6.38 -24.15
C VAL B 69 8.64 5.01 -24.16
N PRO B 70 9.15 4.61 -25.32
CA PRO B 70 9.64 3.25 -25.49
C PRO B 70 11.00 3.08 -24.84
N SER B 71 11.47 1.83 -24.73
CA SER B 71 12.74 1.56 -24.05
C SER B 71 13.96 2.24 -24.66
N LYS B 72 13.95 2.42 -25.99
CA LYS B 72 15.04 3.16 -26.67
C LYS B 72 15.21 4.59 -26.13
N ASP B 73 14.09 5.27 -25.83
CA ASP B 73 14.14 6.66 -25.36
C ASP B 73 14.60 6.82 -23.90
N VAL B 74 14.23 5.92 -23.01
CA VAL B 74 14.66 6.02 -21.62
C VAL B 74 16.17 5.92 -21.72
N LEU B 75 16.58 4.86 -22.38
CA LEU B 75 17.98 4.52 -22.52
C LEU B 75 18.75 5.72 -23.02
N SER B 76 18.33 6.24 -24.15
CA SER B 76 18.95 7.41 -24.77
C SER B 76 19.48 8.38 -23.72
N CYS B 77 18.67 8.75 -22.72
CA CYS B 77 19.13 9.74 -21.75
C CYS B 77 19.87 9.07 -20.58
N HIS B 78 21.11 8.69 -20.88
CA HIS B 78 22.00 8.06 -19.92
C HIS B 78 23.43 8.06 -20.42
N THR B 79 24.35 8.24 -19.48
CA THR B 79 25.79 8.29 -19.75
C THR B 79 26.52 7.21 -18.91
N LEU B 80 27.62 6.66 -19.48
CA LEU B 80 28.40 5.59 -18.85
C LEU B 80 29.84 6.04 -18.58
N THR B 91 25.31 -3.85 -9.91
CA THR B 91 25.93 -5.13 -10.26
C THR B 91 25.13 -6.37 -9.75
N ARG B 92 24.24 -6.78 -10.65
CA ARG B 92 23.28 -7.87 -10.53
C ARG B 92 22.71 -7.90 -11.96
N GLY B 93 23.62 -7.92 -12.95
CA GLY B 93 23.29 -7.82 -14.37
C GLY B 93 23.78 -6.52 -14.97
N LEU B 94 24.32 -6.59 -16.15
CA LEU B 94 24.79 -5.41 -16.84
C LEU B 94 23.60 -4.70 -17.52
N ALA B 95 22.78 -5.50 -18.18
CA ALA B 95 21.61 -4.95 -18.83
C ALA B 95 20.74 -4.15 -17.88
N ILE B 96 20.43 -4.73 -16.73
CA ILE B 96 19.61 -4.07 -15.76
C ILE B 96 20.36 -2.89 -15.20
N ALA B 97 21.64 -3.08 -14.87
CA ALA B 97 22.46 -1.97 -14.34
C ALA B 97 22.33 -0.76 -15.26
N ILE B 98 22.44 -1.00 -16.56
CA ILE B 98 22.35 0.09 -17.52
C ILE B 98 21.00 0.78 -17.49
N MET B 99 19.92 0.00 -17.65
CA MET B 99 18.55 0.53 -17.82
C MET B 99 18.03 1.14 -16.54
N SER B 100 18.34 0.49 -15.43
CA SER B 100 18.01 1.03 -14.16
C SER B 100 18.52 2.44 -14.06
N LYS B 101 19.83 2.64 -14.32
CA LYS B 101 20.43 3.99 -14.30
C LYS B 101 19.70 4.94 -15.22
N ALA B 102 19.39 4.47 -16.42
CA ALA B 102 18.75 5.31 -17.42
C ALA B 102 17.34 5.73 -16.97
N LEU B 103 16.64 4.83 -16.29
CA LEU B 103 15.35 5.14 -15.69
C LEU B 103 15.52 6.17 -14.60
N GLU B 104 16.43 5.92 -13.68
CA GLU B 104 16.67 6.84 -12.58
C GLU B 104 16.88 8.26 -13.07
N THR B 105 17.76 8.44 -14.03
CA THR B 105 18.02 9.76 -14.57
C THR B 105 16.75 10.32 -15.21
N PHE B 106 16.03 9.43 -15.89
CA PHE B 106 14.87 9.81 -16.67
C PHE B 106 13.85 10.50 -15.81
N LEU B 107 13.49 9.87 -14.71
CA LEU B 107 12.44 10.47 -13.93
C LEU B 107 12.97 11.39 -12.82
N SER B 108 14.28 11.40 -12.64
CA SER B 108 14.90 12.46 -11.86
C SER B 108 14.71 13.83 -12.55
N ILE B 109 14.63 13.80 -13.89
CA ILE B 109 14.34 14.96 -14.75
C ILE B 109 12.89 15.40 -14.58
N ALA B 110 11.95 14.50 -14.86
CA ALA B 110 10.52 14.82 -14.82
C ALA B 110 10.08 15.26 -13.42
N ASN B 111 10.83 14.81 -12.41
CA ASN B 111 10.62 15.26 -11.04
C ASN B 111 11.32 16.56 -10.82
N ASP B 112 12.37 16.78 -11.59
CA ASP B 112 13.06 18.06 -11.55
C ASP B 112 12.23 19.11 -12.24
N GLU B 113 11.39 18.70 -13.17
CA GLU B 113 10.43 19.63 -13.77
C GLU B 113 9.21 19.86 -12.88
N GLN B 114 9.23 19.31 -11.66
CA GLN B 114 8.06 19.35 -10.78
C GLN B 114 6.83 18.99 -11.61
N ASN B 115 6.88 17.81 -12.21
CA ASN B 115 5.83 17.35 -13.07
C ASN B 115 5.63 15.83 -12.94
N LEU B 116 5.86 15.31 -11.73
CA LEU B 116 5.74 13.88 -11.47
C LEU B 116 4.90 13.64 -10.20
N ALA B 117 3.71 13.08 -10.37
CA ALA B 117 2.79 12.92 -9.24
C ALA B 117 2.96 11.56 -8.58
N GLY B 118 3.65 10.65 -9.26
CA GLY B 118 4.01 9.32 -8.75
C GLY B 118 4.39 8.31 -9.84
N VAL B 119 4.94 7.18 -9.45
CA VAL B 119 5.32 6.14 -10.41
C VAL B 119 4.84 4.78 -10.00
N ILE B 120 4.44 3.99 -10.98
CA ILE B 120 4.02 2.64 -10.73
C ILE B 120 4.51 1.74 -11.84
N GLY B 121 5.08 0.60 -11.46
CA GLY B 121 5.59 -0.36 -12.43
C GLY B 121 5.33 -1.76 -11.95
N LEU B 122 5.54 -2.73 -12.83
CA LEU B 122 5.42 -4.12 -12.41
C LEU B 122 6.57 -4.92 -12.93
N GLY B 123 6.95 -5.93 -12.16
CA GLY B 123 8.05 -6.82 -12.53
C GLY B 123 8.21 -8.00 -11.59
N GLY B 124 8.91 -9.03 -12.07
CA GLY B 124 9.39 -10.13 -11.22
C GLY B 124 10.67 -9.75 -10.47
N SER B 125 11.48 -10.74 -10.10
CA SER B 125 12.66 -10.44 -9.30
C SER B 125 13.61 -9.51 -10.06
N GLY B 126 13.78 -9.77 -11.35
CA GLY B 126 14.62 -8.95 -12.20
C GLY B 126 14.04 -7.58 -12.32
N GLY B 127 12.77 -7.48 -12.74
CA GLY B 127 12.11 -6.18 -13.01
C GLY B 127 11.96 -5.33 -11.76
N THR B 128 11.67 -5.98 -10.65
CA THR B 128 11.59 -5.34 -9.35
C THR B 128 12.90 -4.66 -8.95
N SER B 129 13.99 -5.38 -9.15
CA SER B 129 15.30 -4.84 -8.79
C SER B 129 15.68 -3.72 -9.74
N LEU B 130 15.10 -3.72 -10.93
CA LEU B 130 15.36 -2.62 -11.86
C LEU B 130 14.59 -1.39 -11.41
N LEU B 131 13.31 -1.58 -11.11
CA LEU B 131 12.44 -0.46 -10.79
C LEU B 131 12.77 0.09 -9.40
N SER B 132 13.03 -0.80 -8.47
CA SER B 132 13.28 -0.40 -7.11
C SER B 132 14.24 0.75 -7.01
N SER B 133 15.49 0.53 -7.42
CA SER B 133 16.53 1.55 -7.22
C SER B 133 16.19 2.85 -7.92
N ALA B 134 15.69 2.76 -9.15
CA ALA B 134 15.28 3.93 -9.92
C ALA B 134 14.16 4.71 -9.23
N PHE B 135 13.40 4.02 -8.39
CA PHE B 135 12.23 4.58 -7.74
C PHE B 135 12.61 5.17 -6.41
N ARG B 136 13.28 4.39 -5.57
CA ARG B 136 13.65 4.92 -4.26
C ARG B 136 14.69 6.07 -4.32
N SER B 137 15.13 6.44 -5.51
CA SER B 137 15.87 7.66 -5.72
C SER B 137 14.93 8.86 -5.81
N LEU B 138 13.66 8.68 -5.46
CA LEU B 138 12.68 9.77 -5.52
C LEU B 138 12.27 10.23 -4.13
N PRO B 139 12.02 11.52 -3.98
CA PRO B 139 11.71 12.04 -2.66
C PRO B 139 10.62 11.26 -1.87
N ILE B 140 10.93 10.94 -0.62
CA ILE B 140 9.96 10.35 0.29
C ILE B 140 8.65 11.13 0.10
N GLY B 141 7.53 10.42 0.06
CA GLY B 141 6.23 11.06 -0.14
C GLY B 141 5.70 10.94 -1.55
N ILE B 142 6.59 10.87 -2.54
CA ILE B 142 6.13 10.69 -3.90
C ILE B 142 5.61 9.29 -4.06
N PRO B 143 4.31 9.17 -4.41
CA PRO B 143 3.75 7.86 -4.54
C PRO B 143 4.68 7.04 -5.43
N LYS B 144 5.11 5.88 -4.95
CA LYS B 144 5.96 5.00 -5.71
C LYS B 144 5.57 3.52 -5.46
N VAL B 145 5.04 2.86 -6.47
CA VAL B 145 4.48 1.50 -6.30
C VAL B 145 5.03 0.50 -7.29
N ILE B 146 5.25 -0.72 -6.83
CA ILE B 146 5.70 -1.79 -7.71
C ILE B 146 4.85 -2.99 -7.47
N ILE B 147 4.18 -3.49 -8.50
CA ILE B 147 3.46 -4.76 -8.36
C ILE B 147 4.48 -5.83 -8.64
N SER B 148 4.96 -6.50 -7.61
CA SER B 148 6.12 -7.40 -7.73
C SER B 148 5.81 -8.79 -7.23
N THR B 149 6.46 -9.76 -7.84
CA THR B 149 6.37 -11.16 -7.40
C THR B 149 7.40 -11.51 -6.31
N VAL B 150 8.19 -10.55 -5.84
CA VAL B 150 9.19 -10.79 -4.81
C VAL B 150 8.83 -10.07 -3.51
N ALA B 151 7.54 -9.75 -3.37
CA ALA B 151 7.01 -8.95 -2.26
C ALA B 151 7.01 -9.72 -0.97
N SER B 152 6.61 -10.98 -1.07
CA SER B 152 6.60 -11.88 0.06
C SER B 152 7.99 -12.54 0.15
N GLY B 153 8.90 -11.97 0.92
CA GLY B 153 10.28 -12.50 0.94
C GLY B 153 11.24 -11.51 1.54
N GLN B 154 12.47 -11.48 1.04
CA GLN B 154 13.42 -10.49 1.52
C GLN B 154 13.30 -9.27 0.64
N THR B 155 12.86 -8.17 1.23
CA THR B 155 12.62 -6.94 0.47
C THR B 155 13.64 -5.84 0.80
N GLU B 156 14.35 -5.99 1.92
CA GLU B 156 15.38 -5.04 2.37
C GLU B 156 16.18 -4.42 1.23
N SER B 157 16.73 -5.25 0.35
CA SER B 157 17.53 -4.78 -0.79
C SER B 157 16.73 -3.93 -1.78
N TYR B 158 15.42 -4.15 -1.89
CA TYR B 158 14.59 -3.30 -2.77
C TYR B 158 14.10 -1.99 -2.13
N ILE B 159 13.46 -2.07 -0.97
CA ILE B 159 12.82 -0.91 -0.36
C ILE B 159 13.85 -0.07 0.34
N GLY B 160 14.94 -0.70 0.74
CA GLY B 160 16.03 0.00 1.41
C GLY B 160 15.45 0.71 2.62
N THR B 161 15.63 2.02 2.67
CA THR B 161 15.18 2.82 3.81
C THR B 161 14.16 3.92 3.41
N SER B 162 13.30 3.60 2.44
CA SER B 162 12.38 4.54 1.80
C SER B 162 10.94 4.07 1.89
N ASP B 163 10.06 4.84 1.23
CA ASP B 163 8.62 4.58 1.28
C ASP B 163 8.10 3.81 0.07
N LEU B 164 8.94 2.93 -0.47
CA LEU B 164 8.56 2.12 -1.62
C LEU B 164 7.60 1.00 -1.18
N VAL B 165 6.43 0.97 -1.79
CA VAL B 165 5.41 -0.04 -1.56
C VAL B 165 5.44 -1.15 -2.63
N LEU B 166 5.54 -2.38 -2.15
CA LEU B 166 5.52 -3.55 -2.99
C LEU B 166 4.18 -4.24 -2.80
N PHE B 167 3.45 -4.42 -3.89
CA PHE B 167 2.19 -5.14 -3.89
C PHE B 167 2.55 -6.53 -4.33
N PRO B 168 2.15 -7.55 -3.55
CA PRO B 168 2.43 -8.93 -3.98
C PRO B 168 1.49 -9.43 -5.09
N SER B 169 1.89 -10.51 -5.76
CA SER B 169 1.19 -11.01 -6.92
C SER B 169 0.39 -12.27 -6.58
N VAL B 179 -0.78 -11.45 -13.68
CA VAL B 179 -0.79 -10.83 -12.35
C VAL B 179 -2.16 -10.89 -11.71
N SER B 180 -3.21 -10.71 -12.50
CA SER B 180 -4.57 -10.87 -11.98
C SER B 180 -5.26 -9.53 -11.86
N LYS B 181 -6.47 -9.47 -12.41
CA LYS B 181 -7.17 -8.19 -12.51
C LYS B 181 -7.49 -7.66 -11.15
N VAL B 182 -7.78 -8.55 -10.22
CA VAL B 182 -8.21 -8.09 -8.91
C VAL B 182 -7.05 -7.40 -8.21
N VAL B 183 -5.84 -7.88 -8.43
CA VAL B 183 -4.68 -7.29 -7.75
C VAL B 183 -4.17 -6.10 -8.57
N LEU B 184 -4.25 -6.20 -9.88
CA LEU B 184 -3.97 -5.03 -10.71
C LEU B 184 -4.92 -3.91 -10.29
N SER B 185 -6.19 -4.25 -10.09
CA SER B 185 -7.19 -3.27 -9.68
C SER B 185 -6.87 -2.52 -8.38
N ASN B 186 -6.51 -3.25 -7.35
CA ASN B 186 -6.30 -2.62 -6.06
C ASN B 186 -5.00 -1.81 -6.09
N ALA B 187 -3.99 -2.37 -6.72
CA ALA B 187 -2.76 -1.65 -6.88
C ALA B 187 -3.03 -0.39 -7.62
N GLY B 188 -3.68 -0.50 -8.77
CA GLY B 188 -3.97 0.66 -9.61
C GLY B 188 -4.73 1.70 -8.84
N ALA B 189 -5.79 1.22 -8.19
CA ALA B 189 -6.65 2.08 -7.40
C ALA B 189 -5.90 2.71 -6.21
N ALA B 190 -5.03 1.96 -5.60
CA ALA B 190 -4.27 2.46 -4.47
C ALA B 190 -3.38 3.59 -4.93
N PHE B 191 -2.81 3.46 -6.12
CA PHE B 191 -1.93 4.48 -6.66
C PHE B 191 -2.71 5.74 -6.97
N ALA B 192 -3.83 5.60 -7.68
CA ALA B 192 -4.70 6.73 -7.90
C ALA B 192 -5.06 7.45 -6.61
N GLY B 193 -5.41 6.69 -5.59
CA GLY B 193 -5.63 7.25 -4.26
C GLY B 193 -4.53 8.18 -3.74
N MET B 194 -3.29 7.69 -3.74
CA MET B 194 -2.18 8.43 -3.16
C MET B 194 -1.97 9.71 -3.93
N VAL B 195 -2.02 9.58 -5.25
CA VAL B 195 -1.72 10.68 -6.15
C VAL B 195 -2.74 11.80 -5.96
N ILE B 196 -3.99 11.52 -6.32
CA ILE B 196 -5.08 12.46 -6.22
C ILE B 196 -5.08 13.16 -4.85
N GLY B 197 -5.24 12.39 -3.79
CA GLY B 197 -5.18 12.94 -2.43
C GLY B 197 -3.93 13.77 -2.09
N ARG B 198 -2.80 13.45 -2.70
CA ARG B 198 -1.61 14.26 -2.55
C ARG B 198 -1.79 15.59 -3.32
N LEU B 199 -2.32 15.54 -4.53
CA LEU B 199 -2.47 16.76 -5.32
C LEU B 199 -3.65 17.65 -4.89
N GLU B 200 -4.69 17.02 -4.36
CA GLU B 200 -5.88 17.74 -3.86
C GLU B 200 -5.83 17.86 -2.32
N SER B 201 -4.85 18.63 -1.82
CA SER B 201 -4.67 18.87 -0.37
C SER B 201 -4.80 20.35 0.04
#